data_9GUI
#
_entry.id   9GUI
#
_cell.length_a   119.854
_cell.length_b   46.935
_cell.length_c   139.737
_cell.angle_alpha   90.00
_cell.angle_beta   98.62
_cell.angle_gamma   90.00
#
_symmetry.space_group_name_H-M   'C 1 2 1'
#
loop_
_entity.id
_entity.type
_entity.pdbx_description
1 polymer 'Global nitrogen regulator'
2 polymer "DNA (5'-D(P*AP*TP*TP*TP*TP*TP*AP*TP*GP*TP*AP*TP*C)-3')"
3 polymer "DNA (5'-D(P*AP*GP*CP*TP*GP*AP*TP*AP*CP*AP*TP*AP*AP*AP*AP*AP*T)-3')"
4 non-polymer '2-OXOGLUTARIC ACID'
5 water water
#
loop_
_entity_poly.entity_id
_entity_poly.type
_entity_poly.pdbx_seq_one_letter_code
_entity_poly.pdbx_strand_id
1 'polypeptide(L)'
;MLANENSLLTMFRELGSGKLPLQIEQFERGKTIFFPGDPAERVYLLVKGAVKLSRVYESGEEITVALLRENSVFGVLSLL
TGQRSDRFYHAVAFTPVQLFSVPIEFMQKALIERPELANVMLQGLSSRILQTEMMIETLAHRDMGSRLVSFLLILCRDFG
IPSPDGITIDLKLSHQAIAEAIGSTRVTVTRLLGDLRESKLIAIHKKRITVFNPVALSQQFS
;
A,B
2 'polydeoxyribonucleotide' (DC)(DA)(DT)(DT)(DT)(DT)(DT)(DA)(DT)(DG)(DT)(DA)(DT)(DC) C,E
3 'polydeoxyribonucleotide' (DA)(DG)(DC)(DT)(DG)(DA)(DT)(DA)(DC)(DA)(DT)(DA)(DA)(DA)(DA)(DA)(DT) D,F
#
# COMPACT_ATOMS: atom_id res chain seq x y z
N ASN A 6 0.53 -14.00 15.58
CA ASN A 6 1.23 -14.89 16.53
C ASN A 6 1.35 -14.22 17.92
N SER A 7 2.10 -13.12 18.07
CA SER A 7 1.81 -12.18 19.14
C SER A 7 0.47 -11.53 18.87
N LEU A 8 0.32 -10.92 17.68
CA LEU A 8 -0.92 -10.27 17.28
C LEU A 8 -2.10 -11.10 17.76
N LEU A 9 -2.14 -12.38 17.34
CA LEU A 9 -3.25 -13.28 17.66
C LEU A 9 -3.45 -13.34 19.17
N THR A 10 -2.38 -13.53 19.91
CA THR A 10 -2.43 -13.58 21.36
C THR A 10 -2.86 -12.24 21.95
N MET A 11 -2.37 -11.15 21.35
CA MET A 11 -2.61 -9.81 21.87
C MET A 11 -4.08 -9.48 21.68
N PHE A 12 -4.60 -9.75 20.48
CA PHE A 12 -5.99 -9.48 20.12
C PHE A 12 -7.00 -10.30 20.92
N ARG A 13 -6.63 -11.53 21.29
CA ARG A 13 -7.48 -12.40 22.09
C ARG A 13 -7.83 -11.69 23.40
N GLU A 14 -6.82 -11.07 24.03
CA GLU A 14 -6.91 -10.53 25.38
C GLU A 14 -7.62 -9.17 25.41
N LEU A 15 -7.98 -8.60 24.25
CA LEU A 15 -8.76 -7.37 24.16
C LEU A 15 -10.26 -7.72 24.27
N GLY A 16 -10.67 -8.27 25.41
CA GLY A 16 -12.05 -8.69 25.62
C GLY A 16 -12.84 -7.56 26.25
N SER A 17 -14.15 -7.50 25.94
CA SER A 17 -15.04 -6.54 26.57
C SER A 17 -14.99 -6.73 28.09
N GLY A 18 -15.27 -7.95 28.56
CA GLY A 18 -15.24 -8.26 29.98
C GLY A 18 -13.95 -8.97 30.39
N LYS A 19 -14.09 -9.91 31.34
CA LYS A 19 -12.97 -10.70 31.87
C LYS A 19 -12.64 -11.88 30.95
N LEU A 20 -13.66 -12.41 30.25
CA LEU A 20 -13.46 -13.47 29.28
C LEU A 20 -12.80 -12.89 28.04
N PRO A 21 -12.05 -13.72 27.29
CA PRO A 21 -11.35 -13.24 26.10
C PRO A 21 -12.32 -12.96 24.97
N LEU A 22 -11.78 -12.40 23.88
CA LEU A 22 -12.58 -11.94 22.78
C LEU A 22 -12.80 -13.12 21.85
N GLN A 23 -14.03 -13.25 21.36
CA GLN A 23 -14.38 -14.39 20.54
C GLN A 23 -14.13 -14.03 19.10
N ILE A 24 -13.88 -15.06 18.30
CA ILE A 24 -13.71 -14.87 16.88
C ILE A 24 -15.09 -14.62 16.27
N GLU A 25 -15.08 -13.96 15.10
CA GLU A 25 -16.27 -13.86 14.28
C GLU A 25 -16.03 -14.64 13.00
N GLN A 26 -17.03 -15.41 12.58
CA GLN A 26 -16.89 -16.21 11.35
C GLN A 26 -17.66 -15.55 10.21
N PHE A 27 -17.03 -15.38 9.06
CA PHE A 27 -17.76 -14.86 7.87
C PHE A 27 -17.68 -15.93 6.78
N GLU A 28 -18.80 -16.20 6.11
CA GLU A 28 -18.82 -17.24 5.06
C GLU A 28 -18.27 -16.66 3.76
N ARG A 29 -17.81 -17.52 2.85
CA ARG A 29 -17.24 -17.04 1.57
C ARG A 29 -18.25 -16.10 0.91
N GLY A 30 -17.87 -14.85 0.70
CA GLY A 30 -18.77 -13.94 -0.02
C GLY A 30 -19.41 -12.92 0.90
N LYS A 31 -19.39 -13.17 2.20
CA LYS A 31 -20.07 -12.25 3.08
C LYS A 31 -19.18 -11.04 3.37
N THR A 32 -19.80 -9.86 3.41
CA THR A 32 -19.10 -8.61 3.57
C THR A 32 -18.75 -8.38 5.04
N ILE A 33 -17.47 -8.08 5.32
CA ILE A 33 -17.00 -7.71 6.64
C ILE A 33 -17.28 -6.25 6.94
N PHE A 34 -17.21 -5.38 5.93
CA PHE A 34 -17.75 -4.04 6.10
C PHE A 34 -18.09 -3.43 4.73
N PHE A 35 -19.04 -2.49 4.75
CA PHE A 35 -19.52 -1.86 3.55
C PHE A 35 -19.09 -0.40 3.49
N PRO A 36 -18.90 0.15 2.27
CA PRO A 36 -18.70 1.58 2.09
C PRO A 36 -19.80 2.38 2.77
N GLY A 37 -19.42 3.33 3.62
CA GLY A 37 -20.37 4.08 4.42
C GLY A 37 -20.30 3.70 5.90
N ASP A 38 -20.05 2.42 6.20
CA ASP A 38 -19.98 1.96 7.57
C ASP A 38 -19.00 2.83 8.32
N PRO A 39 -19.36 3.37 9.52
CA PRO A 39 -18.40 4.13 10.31
C PRO A 39 -17.13 3.32 10.58
N ALA A 40 -15.96 3.91 10.34
CA ALA A 40 -14.68 3.22 10.63
C ALA A 40 -14.44 3.27 12.14
N GLU A 41 -15.14 2.42 12.89
CA GLU A 41 -15.02 2.45 14.37
C GLU A 41 -14.33 1.18 14.87
N ARG A 42 -13.79 0.37 13.95
CA ARG A 42 -13.19 -0.90 14.37
C ARG A 42 -11.89 -1.21 13.64
N VAL A 43 -10.98 -1.91 14.35
CA VAL A 43 -9.80 -2.48 13.77
C VAL A 43 -9.96 -3.99 13.84
N TYR A 44 -9.50 -4.69 12.79
CA TYR A 44 -9.68 -6.12 12.66
C TYR A 44 -8.33 -6.81 12.62
N LEU A 45 -8.32 -8.08 13.05
CA LEU A 45 -7.24 -9.00 12.76
C LEU A 45 -7.81 -10.20 12.02
N LEU A 46 -7.28 -10.44 10.81
CA LEU A 46 -7.57 -11.66 10.07
C LEU A 46 -6.79 -12.81 10.70
N VAL A 47 -7.44 -13.97 10.89
CA VAL A 47 -6.89 -15.11 11.60
C VAL A 47 -6.84 -16.33 10.68
N LYS A 48 -8.00 -16.71 10.15
CA LYS A 48 -8.05 -17.85 9.21
C LYS A 48 -8.80 -17.41 7.96
N GLY A 49 -8.11 -17.30 6.82
CA GLY A 49 -8.82 -16.99 5.57
C GLY A 49 -8.15 -15.91 4.74
N ALA A 50 -8.88 -15.38 3.75
CA ALA A 50 -8.35 -14.29 2.92
C ALA A 50 -9.44 -13.22 2.81
N VAL A 51 -9.06 -11.96 3.00
CA VAL A 51 -10.04 -10.83 2.89
C VAL A 51 -9.73 -10.02 1.64
N LYS A 52 -10.75 -9.74 0.84
CA LYS A 52 -10.59 -8.96 -0.37
C LYS A 52 -11.06 -7.55 -0.10
N LEU A 53 -10.12 -6.60 -0.13
CA LEU A 53 -10.46 -5.19 -0.02
C LEU A 53 -10.66 -4.65 -1.43
N SER A 54 -11.85 -4.13 -1.74
CA SER A 54 -12.17 -3.69 -3.09
C SER A 54 -12.74 -2.29 -3.09
N ARG A 55 -12.57 -1.57 -4.22
CA ARG A 55 -13.23 -0.31 -4.48
C ARG A 55 -14.33 -0.58 -5.50
N VAL A 56 -15.57 -0.22 -5.22
CA VAL A 56 -16.65 -0.55 -6.13
C VAL A 56 -17.17 0.72 -6.78
N TYR A 57 -16.96 0.82 -8.08
CA TYR A 57 -17.33 2.00 -8.84
C TYR A 57 -18.84 2.02 -9.03
N GLU A 58 -19.35 3.17 -9.47
CA GLU A 58 -20.78 3.40 -9.57
C GLU A 58 -21.43 2.36 -10.50
N SER A 59 -20.68 1.97 -11.54
CA SER A 59 -21.16 1.07 -12.57
C SER A 59 -21.36 -0.36 -12.08
N GLY A 60 -21.08 -0.63 -10.80
CA GLY A 60 -21.10 -2.00 -10.28
C GLY A 60 -19.74 -2.72 -10.39
N GLU A 61 -18.79 -2.07 -11.11
CA GLU A 61 -17.52 -2.67 -11.46
C GLU A 61 -16.56 -2.53 -10.28
N GLU A 62 -15.62 -3.48 -10.14
CA GLU A 62 -14.76 -3.58 -8.98
C GLU A 62 -13.29 -3.60 -9.35
N ILE A 63 -12.51 -3.03 -8.44
CA ILE A 63 -11.07 -3.14 -8.46
C ILE A 63 -10.67 -3.69 -7.12
N THR A 64 -9.80 -4.70 -7.14
CA THR A 64 -9.24 -5.25 -5.92
C THR A 64 -8.05 -4.40 -5.48
N VAL A 65 -8.03 -4.02 -4.21
CA VAL A 65 -6.87 -3.31 -3.68
C VAL A 65 -5.94 -4.21 -2.86
N ALA A 66 -6.53 -5.11 -2.06
CA ALA A 66 -5.75 -6.02 -1.26
C ALA A 66 -6.46 -7.37 -1.14
N LEU A 67 -5.70 -8.43 -1.31
CA LEU A 67 -6.14 -9.75 -0.93
C LEU A 67 -5.30 -10.12 0.30
N LEU A 68 -5.84 -9.78 1.48
CA LEU A 68 -5.07 -9.82 2.72
C LEU A 68 -4.85 -11.26 3.13
N ARG A 69 -3.71 -11.57 3.75
CA ARG A 69 -3.38 -12.95 4.09
C ARG A 69 -3.61 -13.18 5.58
N GLU A 70 -3.54 -14.45 6.02
CA GLU A 70 -3.81 -14.76 7.43
C GLU A 70 -2.86 -13.96 8.32
N ASN A 71 -3.37 -13.56 9.49
CA ASN A 71 -2.63 -12.81 10.48
C ASN A 71 -2.42 -11.33 10.09
N SER A 72 -3.27 -10.77 9.20
CA SER A 72 -3.17 -9.39 8.75
C SER A 72 -4.07 -8.47 9.58
N VAL A 73 -3.54 -7.29 9.95
CA VAL A 73 -4.31 -6.23 10.56
C VAL A 73 -4.96 -5.42 9.45
N PHE A 74 -6.26 -5.17 9.54
CA PHE A 74 -6.86 -4.27 8.58
C PHE A 74 -7.96 -3.43 9.23
N GLY A 75 -8.66 -2.63 8.42
CA GLY A 75 -9.62 -1.69 9.02
C GLY A 75 -8.82 -0.60 9.71
N VAL A 76 -7.86 -0.02 9.00
CA VAL A 76 -6.90 0.94 9.63
C VAL A 76 -7.36 2.40 9.50
N LEU A 77 -8.39 2.66 8.70
CA LEU A 77 -8.92 4.04 8.63
C LEU A 77 -9.41 4.43 10.03
N SER A 78 -9.89 3.46 10.81
CA SER A 78 -10.33 3.73 12.20
C SER A 78 -9.13 4.20 13.02
N LEU A 79 -8.00 3.50 12.92
CA LEU A 79 -6.80 3.85 13.70
C LEU A 79 -6.48 5.33 13.49
N LEU A 80 -6.82 5.86 12.32
CA LEU A 80 -6.51 7.27 12.00
C LEU A 80 -7.62 8.16 12.54
N THR A 81 -7.38 8.80 13.69
CA THR A 81 -8.44 9.64 14.32
C THR A 81 -8.32 11.08 13.82
N GLY A 82 -8.95 12.02 14.53
CA GLY A 82 -8.97 13.42 14.07
C GLY A 82 -10.27 13.68 13.34
N GLN A 83 -10.92 12.62 12.88
CA GLN A 83 -12.21 12.74 12.16
C GLN A 83 -12.92 11.39 12.17
N ARG A 84 -14.21 11.35 12.51
CA ARG A 84 -14.97 10.08 12.42
C ARG A 84 -15.19 9.78 10.94
N SER A 85 -14.24 9.09 10.30
CA SER A 85 -14.35 8.82 8.84
C SER A 85 -15.27 7.64 8.62
N ASP A 86 -15.74 7.47 7.38
CA ASP A 86 -16.62 6.34 7.04
C ASP A 86 -15.85 5.44 6.06
N ARG A 87 -16.18 4.15 6.03
CA ARG A 87 -15.45 3.18 5.17
C ARG A 87 -15.69 3.53 3.69
N PHE A 88 -14.64 3.43 2.87
CA PHE A 88 -14.79 3.66 1.42
C PHE A 88 -14.47 2.43 0.58
N TYR A 89 -13.89 1.40 1.18
CA TYR A 89 -13.69 0.14 0.51
C TYR A 89 -14.68 -0.91 1.03
N HIS A 90 -14.75 -2.03 0.29
CA HIS A 90 -15.67 -3.11 0.57
C HIS A 90 -14.82 -4.27 1.04
N ALA A 91 -14.95 -4.63 2.32
CA ALA A 91 -14.18 -5.74 2.86
C ALA A 91 -15.02 -7.00 2.77
N VAL A 92 -14.57 -8.01 2.03
CA VAL A 92 -15.39 -9.24 1.82
C VAL A 92 -14.51 -10.48 2.04
N ALA A 93 -15.12 -11.59 2.48
CA ALA A 93 -14.37 -12.84 2.72
C ALA A 93 -14.19 -13.61 1.41
N PHE A 94 -13.01 -13.52 0.80
CA PHE A 94 -12.73 -14.23 -0.48
C PHE A 94 -12.72 -15.72 -0.17
N THR A 95 -12.54 -16.07 1.09
CA THR A 95 -12.54 -17.49 1.54
C THR A 95 -13.35 -17.54 2.82
N PRO A 96 -13.73 -18.71 3.36
CA PRO A 96 -14.37 -18.73 4.67
C PRO A 96 -13.33 -18.08 5.58
N VAL A 97 -13.70 -17.02 6.31
CA VAL A 97 -12.68 -16.28 7.12
C VAL A 97 -13.05 -16.26 8.61
N GLN A 98 -12.07 -16.02 9.48
CA GLN A 98 -12.31 -15.90 10.94
C GLN A 98 -11.50 -14.70 11.44
N LEU A 99 -12.14 -13.70 12.04
CA LEU A 99 -11.40 -12.53 12.47
C LEU A 99 -11.79 -12.12 13.89
N PHE A 100 -10.99 -11.19 14.43
CA PHE A 100 -11.36 -10.43 15.62
C PHE A 100 -11.69 -9.01 15.22
N SER A 101 -12.61 -8.40 15.96
CA SER A 101 -13.13 -7.10 15.55
C SER A 101 -13.21 -6.20 16.78
N VAL A 102 -12.07 -5.71 17.27
CA VAL A 102 -12.12 -4.82 18.42
C VAL A 102 -12.63 -3.45 17.99
N PRO A 103 -13.57 -2.86 18.77
CA PRO A 103 -13.91 -1.44 18.63
C PRO A 103 -12.70 -0.54 18.88
N ILE A 104 -12.69 0.63 18.24
CA ILE A 104 -11.46 1.42 18.18
C ILE A 104 -11.08 1.93 19.57
N GLU A 105 -12.06 2.27 20.42
CA GLU A 105 -11.78 2.84 21.73
C GLU A 105 -11.19 1.80 22.69
N PHE A 106 -11.60 0.52 22.58
CA PHE A 106 -10.99 -0.56 23.34
C PHE A 106 -9.50 -0.65 23.01
N MET A 107 -9.18 -0.55 21.72
CA MET A 107 -7.82 -0.64 21.25
C MET A 107 -6.99 0.50 21.84
N GLN A 108 -7.42 1.73 21.60
CA GLN A 108 -6.63 2.91 21.95
C GLN A 108 -6.24 2.81 23.42
N LYS A 109 -7.23 2.49 24.28
CA LYS A 109 -7.01 2.32 25.70
C LYS A 109 -5.90 1.29 25.95
N ALA A 110 -6.00 0.13 25.30
CA ALA A 110 -5.11 -0.99 25.57
C ALA A 110 -3.70 -0.76 25.03
N LEU A 111 -3.52 0.20 24.10
CA LEU A 111 -2.19 0.57 23.63
C LEU A 111 -1.43 1.33 24.72
N ILE A 112 -2.17 2.11 25.51
CA ILE A 112 -1.59 2.89 26.59
C ILE A 112 -1.29 2.00 27.79
N GLU A 113 -2.22 1.09 28.10
CA GLU A 113 -2.10 0.22 29.26
C GLU A 113 -1.02 -0.85 29.05
N ARG A 114 -1.06 -1.54 27.90
CA ARG A 114 -0.06 -2.57 27.58
C ARG A 114 0.72 -2.16 26.33
N PRO A 115 1.72 -1.24 26.48
CA PRO A 115 2.60 -0.83 25.38
C PRO A 115 3.23 -1.92 24.52
N GLU A 116 3.27 -3.16 25.03
CA GLU A 116 3.75 -4.30 24.24
C GLU A 116 2.91 -4.47 22.98
N LEU A 117 1.60 -4.17 23.09
CA LEU A 117 0.69 -4.34 21.97
C LEU A 117 0.92 -3.27 20.90
N ALA A 118 1.51 -2.13 21.28
CA ALA A 118 1.83 -1.05 20.35
C ALA A 118 2.96 -1.44 19.42
N ASN A 119 3.98 -2.07 20.00
CA ASN A 119 5.09 -2.57 19.20
C ASN A 119 4.56 -3.60 18.20
N VAL A 120 3.72 -4.52 18.66
CA VAL A 120 3.21 -5.60 17.83
C VAL A 120 2.28 -5.04 16.75
N MET A 121 1.50 -4.03 17.11
CA MET A 121 0.62 -3.37 16.15
C MET A 121 1.43 -2.66 15.08
N LEU A 122 2.44 -1.89 15.47
CA LEU A 122 3.28 -1.18 14.53
C LEU A 122 3.93 -2.16 13.56
N GLN A 123 4.37 -3.32 14.06
CA GLN A 123 4.94 -4.34 13.19
C GLN A 123 3.93 -4.78 12.15
N GLY A 124 2.68 -4.93 12.58
CA GLY A 124 1.63 -5.42 11.69
C GLY A 124 1.32 -4.45 10.57
N LEU A 125 1.23 -3.16 10.92
CA LEU A 125 0.92 -2.09 9.98
C LEU A 125 2.12 -1.84 9.08
N SER A 126 3.31 -2.05 9.63
CA SER A 126 4.54 -1.98 8.85
C SER A 126 4.55 -3.04 7.76
N SER A 127 4.22 -4.29 8.13
CA SER A 127 4.13 -5.37 7.17
C SER A 127 3.08 -5.05 6.11
N ARG A 128 1.98 -4.37 6.49
CA ARG A 128 0.95 -4.00 5.51
C ARG A 128 1.54 -3.06 4.45
N ILE A 129 2.26 -2.03 4.89
CA ILE A 129 2.82 -1.06 3.97
C ILE A 129 3.70 -1.73 2.92
N LEU A 130 4.59 -2.60 3.41
CA LEU A 130 5.53 -3.30 2.55
C LEU A 130 4.77 -4.21 1.62
N GLN A 131 3.82 -4.96 2.16
CA GLN A 131 3.02 -5.87 1.34
C GLN A 131 2.28 -5.10 0.23
N THR A 132 1.77 -3.90 0.55
CA THR A 132 1.02 -3.12 -0.41
C THR A 132 1.95 -2.60 -1.50
N GLU A 133 3.16 -2.17 -1.11
CA GLU A 133 4.15 -1.70 -2.06
C GLU A 133 4.55 -2.83 -3.02
N MET A 134 4.90 -3.98 -2.43
CA MET A 134 5.16 -5.21 -3.15
C MET A 134 4.08 -5.43 -4.21
N MET A 135 2.83 -5.09 -3.90
CA MET A 135 1.77 -5.20 -4.90
C MET A 135 1.94 -4.13 -5.98
N ILE A 136 2.25 -2.88 -5.60
CA ILE A 136 2.50 -1.84 -6.59
C ILE A 136 3.55 -2.35 -7.57
N GLU A 137 4.64 -2.93 -7.06
CA GLU A 137 5.68 -3.45 -7.92
C GLU A 137 5.05 -4.34 -8.99
N THR A 138 4.21 -5.30 -8.55
CA THR A 138 3.47 -6.17 -9.45
C THR A 138 2.77 -5.37 -10.55
N LEU A 139 1.86 -4.46 -10.17
CA LEU A 139 1.03 -3.78 -11.17
C LEU A 139 1.88 -2.91 -12.09
N ALA A 140 3.05 -2.48 -11.60
CA ALA A 140 3.90 -1.53 -12.30
C ALA A 140 4.70 -2.19 -13.42
N HIS A 141 4.49 -3.50 -13.64
CA HIS A 141 4.98 -4.16 -14.84
C HIS A 141 4.21 -3.61 -16.04
N ARG A 142 4.53 -4.15 -17.23
CA ARG A 142 3.80 -3.78 -18.43
C ARG A 142 3.23 -5.06 -19.03
N ASP A 143 4.09 -6.03 -19.31
CA ASP A 143 3.64 -7.33 -19.80
C ASP A 143 2.66 -7.97 -18.80
N MET A 144 1.39 -8.13 -19.24
CA MET A 144 0.38 -8.75 -18.41
C MET A 144 0.77 -10.18 -18.03
N GLY A 145 1.62 -10.83 -18.80
CA GLY A 145 2.11 -12.14 -18.40
C GLY A 145 3.03 -12.02 -17.20
N SER A 146 3.86 -10.96 -17.21
CA SER A 146 4.78 -10.73 -16.11
C SER A 146 3.98 -10.29 -14.89
N ARG A 147 3.00 -9.44 -15.14
CA ARG A 147 2.15 -8.93 -14.07
C ARG A 147 1.44 -10.09 -13.37
N LEU A 148 0.91 -11.03 -14.16
CA LEU A 148 0.18 -12.20 -13.68
C LEU A 148 1.12 -13.05 -12.86
N VAL A 149 2.29 -13.34 -13.43
CA VAL A 149 3.27 -14.19 -12.77
C VAL A 149 3.72 -13.56 -11.44
N SER A 150 3.97 -12.25 -11.44
CA SER A 150 4.36 -11.54 -10.24
C SER A 150 3.24 -11.67 -9.21
N PHE A 151 2.01 -11.58 -9.68
CA PHE A 151 0.85 -11.70 -8.79
C PHE A 151 0.84 -13.09 -8.17
N LEU A 152 1.08 -14.13 -8.99
CA LEU A 152 0.99 -15.50 -8.53
C LEU A 152 2.09 -15.78 -7.52
N LEU A 153 3.30 -15.29 -7.81
CA LEU A 153 4.45 -15.44 -6.89
C LEU A 153 4.15 -14.81 -5.55
N ILE A 154 3.34 -13.74 -5.50
CA ILE A 154 2.89 -13.22 -4.22
C ILE A 154 1.96 -14.21 -3.54
N LEU A 155 0.92 -14.63 -4.28
CA LEU A 155 -0.08 -15.52 -3.74
C LEU A 155 0.56 -16.82 -3.28
N CYS A 156 1.71 -17.18 -3.86
CA CYS A 156 2.42 -18.37 -3.42
C CYS A 156 3.03 -18.12 -2.05
N ARG A 157 3.56 -16.91 -1.88
CA ARG A 157 4.15 -16.50 -0.62
C ARG A 157 3.07 -16.36 0.44
N ASP A 158 1.86 -15.94 0.05
CA ASP A 158 0.84 -15.49 0.99
C ASP A 158 -0.17 -16.59 1.35
N PHE A 159 -0.54 -17.40 0.35
CA PHE A 159 -1.60 -18.39 0.52
C PHE A 159 -1.13 -19.79 0.17
N GLY A 160 0.16 -19.96 -0.15
CA GLY A 160 0.63 -21.19 -0.74
C GLY A 160 0.93 -22.28 0.30
N ILE A 161 0.44 -23.49 0.04
CA ILE A 161 0.77 -24.65 0.85
C ILE A 161 1.56 -25.63 0.00
N PRO A 162 2.42 -26.45 0.62
CA PRO A 162 3.24 -27.41 -0.14
C PRO A 162 2.45 -28.56 -0.76
N SER A 163 2.77 -28.85 -2.03
CA SER A 163 2.20 -29.97 -2.75
C SER A 163 3.33 -30.76 -3.38
N PRO A 164 3.11 -32.06 -3.71
CA PRO A 164 4.13 -32.84 -4.39
C PRO A 164 4.74 -32.07 -5.57
N ASP A 165 3.89 -31.56 -6.45
CA ASP A 165 4.38 -30.88 -7.68
C ASP A 165 5.02 -29.53 -7.33
N GLY A 166 4.42 -28.77 -6.40
CA GLY A 166 4.96 -27.44 -6.06
C GLY A 166 4.13 -26.74 -5.00
N ILE A 167 4.00 -25.42 -5.10
CA ILE A 167 3.17 -24.69 -4.16
C ILE A 167 1.80 -24.52 -4.77
N THR A 168 0.78 -24.97 -4.04
CA THR A 168 -0.58 -24.76 -4.48
C THR A 168 -1.05 -23.50 -3.77
N ILE A 169 -1.53 -22.54 -4.54
CA ILE A 169 -2.10 -21.34 -3.95
C ILE A 169 -3.45 -21.77 -3.39
N ASP A 170 -3.55 -21.86 -2.07
CA ASP A 170 -4.78 -22.41 -1.44
C ASP A 170 -5.91 -21.38 -1.37
N LEU A 171 -6.44 -20.97 -2.52
CA LEU A 171 -7.64 -20.09 -2.50
C LEU A 171 -8.30 -20.17 -3.89
N LYS A 172 -9.62 -20.27 -3.92
CA LYS A 172 -10.35 -20.44 -5.21
C LYS A 172 -10.29 -19.12 -5.97
N LEU A 173 -9.55 -19.08 -7.07
CA LEU A 173 -9.36 -17.85 -7.82
C LEU A 173 -10.04 -17.93 -9.17
N SER A 174 -11.15 -17.21 -9.35
CA SER A 174 -11.72 -17.08 -10.68
C SER A 174 -10.85 -16.14 -11.50
N HIS A 175 -10.81 -16.37 -12.81
CA HIS A 175 -10.03 -15.55 -13.70
C HIS A 175 -10.48 -14.11 -13.57
N GLN A 176 -11.78 -13.90 -13.39
CA GLN A 176 -12.31 -12.56 -13.13
C GLN A 176 -11.68 -11.98 -11.86
N ALA A 177 -11.57 -12.78 -10.78
CA ALA A 177 -11.05 -12.27 -9.53
C ALA A 177 -9.62 -11.78 -9.72
N ILE A 178 -8.86 -12.57 -10.49
CA ILE A 178 -7.51 -12.22 -10.89
C ILE A 178 -7.50 -10.94 -11.73
N ALA A 179 -8.35 -10.89 -12.73
CA ALA A 179 -8.39 -9.75 -13.62
C ALA A 179 -8.54 -8.46 -12.81
N GLU A 180 -9.39 -8.53 -11.78
CA GLU A 180 -9.65 -7.36 -10.96
C GLU A 180 -8.44 -6.95 -10.14
N ALA A 181 -7.59 -7.93 -9.80
CA ALA A 181 -6.42 -7.74 -8.94
C ALA A 181 -5.23 -7.11 -9.66
N ILE A 182 -5.05 -7.43 -10.96
CA ILE A 182 -3.88 -7.04 -11.73
C ILE A 182 -4.23 -6.08 -12.88
N GLY A 183 -5.41 -5.46 -12.82
CA GLY A 183 -5.78 -4.45 -13.80
C GLY A 183 -5.85 -5.00 -15.22
N SER A 184 -6.58 -6.10 -15.37
CA SER A 184 -6.72 -6.72 -16.67
C SER A 184 -8.17 -7.09 -16.89
N THR A 185 -8.42 -7.93 -17.90
CA THR A 185 -9.73 -8.53 -18.07
C THR A 185 -9.63 -10.05 -18.10
N ARG A 186 -10.76 -10.68 -17.77
CA ARG A 186 -10.81 -12.10 -17.56
C ARG A 186 -10.43 -12.88 -18.83
N VAL A 187 -10.81 -12.40 -19.99
CA VAL A 187 -10.42 -13.09 -21.21
C VAL A 187 -8.89 -13.06 -21.40
N THR A 188 -8.23 -11.99 -20.99
CA THR A 188 -6.76 -11.95 -20.99
C THR A 188 -6.18 -12.93 -19.97
N VAL A 189 -6.72 -12.89 -18.73
CA VAL A 189 -6.32 -13.78 -17.62
C VAL A 189 -6.51 -15.25 -18.01
N THR A 190 -7.64 -15.57 -18.65
CA THR A 190 -7.88 -16.93 -19.12
C THR A 190 -6.73 -17.27 -20.07
N ARG A 191 -6.70 -16.56 -21.20
CA ARG A 191 -5.72 -16.75 -22.25
C ARG A 191 -4.34 -16.95 -21.65
N LEU A 192 -3.92 -16.01 -20.77
CA LEU A 192 -2.58 -16.03 -20.19
C LEU A 192 -2.39 -17.29 -19.34
N LEU A 193 -3.28 -17.54 -18.38
CA LEU A 193 -3.21 -18.73 -17.57
C LEU A 193 -3.13 -19.99 -18.44
N GLY A 194 -3.89 -19.99 -19.54
CA GLY A 194 -3.82 -21.06 -20.53
C GLY A 194 -2.40 -21.26 -21.03
N ASP A 195 -1.66 -20.15 -21.22
CA ASP A 195 -0.33 -20.17 -21.77
C ASP A 195 0.62 -20.81 -20.75
N LEU A 196 0.40 -20.53 -19.47
CA LEU A 196 1.19 -21.14 -18.42
C LEU A 196 0.91 -22.64 -18.37
N ARG A 197 -0.36 -23.03 -18.52
CA ARG A 197 -0.75 -24.44 -18.51
C ARG A 197 -0.05 -25.18 -19.65
N GLU A 198 -0.06 -24.59 -20.85
CA GLU A 198 0.56 -25.20 -22.03
C GLU A 198 2.07 -25.35 -21.84
N SER A 199 2.68 -24.35 -21.22
CA SER A 199 4.12 -24.36 -20.94
C SER A 199 4.49 -25.28 -19.78
N LYS A 200 3.48 -25.80 -19.07
CA LYS A 200 3.63 -26.73 -17.95
C LYS A 200 4.36 -26.06 -16.79
N LEU A 201 4.08 -24.76 -16.56
CA LEU A 201 4.64 -24.02 -15.44
C LEU A 201 3.66 -24.02 -14.27
N ILE A 202 2.35 -24.01 -14.59
CA ILE A 202 1.32 -24.11 -13.57
C ILE A 202 0.31 -25.18 -13.99
N ALA A 203 -0.56 -25.55 -13.02
CA ALA A 203 -1.69 -26.43 -13.24
C ALA A 203 -2.85 -26.05 -12.31
N ILE A 204 -4.09 -26.20 -12.79
CA ILE A 204 -5.25 -25.77 -12.03
C ILE A 204 -6.17 -26.97 -11.81
N HIS A 205 -6.58 -27.19 -10.56
CA HIS A 205 -7.58 -28.19 -10.24
C HIS A 205 -8.54 -27.59 -9.24
N LYS A 206 -9.85 -27.69 -9.50
CA LYS A 206 -10.88 -27.15 -8.64
C LYS A 206 -10.61 -25.66 -8.32
N LYS A 207 -10.13 -24.92 -9.33
CA LYS A 207 -9.95 -23.47 -9.25
C LYS A 207 -8.76 -23.10 -8.35
N ARG A 208 -7.84 -24.05 -8.16
CA ARG A 208 -6.66 -23.82 -7.33
C ARG A 208 -5.41 -23.92 -8.17
N ILE A 209 -4.67 -22.82 -8.24
CA ILE A 209 -3.52 -22.76 -9.11
C ILE A 209 -2.31 -23.32 -8.39
N THR A 210 -1.71 -24.37 -8.96
CA THR A 210 -0.48 -24.97 -8.37
C THR A 210 0.73 -24.62 -9.23
N VAL A 211 1.61 -23.76 -8.75
CA VAL A 211 2.86 -23.45 -9.50
C VAL A 211 3.86 -24.57 -9.24
N PHE A 212 4.56 -25.04 -10.28
CA PHE A 212 5.47 -26.20 -10.10
C PHE A 212 6.80 -25.72 -9.53
N ASN A 213 7.41 -24.69 -10.13
CA ASN A 213 8.66 -24.13 -9.56
C ASN A 213 8.55 -22.61 -9.59
N PRO A 214 8.25 -21.95 -8.46
CA PRO A 214 8.07 -20.50 -8.46
C PRO A 214 9.24 -19.82 -9.17
N VAL A 215 10.47 -20.29 -8.93
CA VAL A 215 11.67 -19.65 -9.55
C VAL A 215 11.63 -19.87 -11.07
N ALA A 216 11.15 -21.03 -11.51
CA ALA A 216 11.04 -21.32 -12.96
C ALA A 216 10.08 -20.30 -13.59
N LEU A 217 8.96 -20.01 -12.92
CA LEU A 217 8.02 -18.99 -13.43
C LEU A 217 8.75 -17.65 -13.52
N SER A 218 9.45 -17.28 -12.44
CA SER A 218 10.17 -15.98 -12.41
C SER A 218 10.97 -15.82 -13.69
N GLN A 219 11.88 -16.76 -13.97
CA GLN A 219 12.64 -16.73 -15.22
C GLN A 219 11.74 -16.25 -16.37
N SER B 7 1.14 16.44 14.87
CA SER B 7 1.73 15.72 16.03
C SER B 7 3.06 15.10 15.64
N LEU B 8 3.05 14.27 14.60
CA LEU B 8 4.25 13.57 14.15
C LEU B 8 5.46 14.50 14.21
N LEU B 9 5.36 15.66 13.56
CA LEU B 9 6.45 16.63 13.51
C LEU B 9 6.91 16.99 14.93
N THR B 10 5.94 17.31 15.79
CA THR B 10 6.22 17.66 17.18
C THR B 10 6.80 16.45 17.93
N MET B 11 6.27 15.25 17.63
CA MET B 11 6.67 14.05 18.33
C MET B 11 8.10 13.71 17.97
N PHE B 12 8.43 13.77 16.67
CA PHE B 12 9.76 13.48 16.17
C PHE B 12 10.83 14.45 16.65
N ARG B 13 10.47 15.72 16.84
CA ARG B 13 11.39 16.72 17.35
C ARG B 13 11.96 16.27 18.69
N GLU B 14 11.09 15.75 19.55
CA GLU B 14 11.41 15.48 20.94
C GLU B 14 12.16 14.15 21.12
N LEU B 15 12.39 13.40 20.03
CA LEU B 15 13.08 12.12 20.13
C LEU B 15 14.60 12.28 20.18
N GLY B 16 15.18 12.16 21.38
CA GLY B 16 16.61 12.37 21.56
C GLY B 16 17.19 11.43 22.59
N LEU B 20 19.36 16.09 24.31
CA LEU B 20 19.33 17.14 23.27
C LEU B 20 18.31 16.76 22.22
N PRO B 21 17.68 17.75 21.54
CA PRO B 21 16.65 17.47 20.54
C PRO B 21 17.27 16.93 19.25
N LEU B 22 16.42 16.72 18.24
CA LEU B 22 16.83 16.08 17.00
C LEU B 22 16.92 17.20 15.95
N GLN B 23 18.05 17.30 15.24
CA GLN B 23 18.20 18.27 14.18
C GLN B 23 17.64 17.70 12.87
N ILE B 24 17.18 18.59 12.00
CA ILE B 24 16.72 18.18 10.69
C ILE B 24 17.94 17.84 9.84
N GLU B 25 17.74 16.99 8.83
CA GLU B 25 18.73 16.76 7.80
C GLU B 25 18.21 17.31 6.49
N GLN B 26 19.08 18.03 5.76
CA GLN B 26 18.79 18.45 4.41
C GLN B 26 19.26 17.37 3.44
N PHE B 27 18.49 17.13 2.39
CA PHE B 27 19.02 16.47 1.21
C PHE B 27 18.69 17.30 0.00
N GLU B 28 19.69 17.48 -0.88
CA GLU B 28 19.48 18.21 -2.11
C GLU B 28 18.78 17.32 -3.12
N ARG B 29 18.02 17.94 -4.02
CA ARG B 29 17.30 17.24 -5.07
C ARG B 29 18.23 16.21 -5.70
N GLY B 30 17.86 14.95 -5.63
CA GLY B 30 18.60 13.89 -6.32
C GLY B 30 19.53 13.09 -5.41
N LYS B 31 19.80 13.58 -4.21
CA LYS B 31 20.62 12.83 -3.26
C LYS B 31 19.83 11.68 -2.61
N THR B 32 20.53 10.54 -2.45
CA THR B 32 19.92 9.33 -1.92
C THR B 32 19.81 9.40 -0.40
N ILE B 33 18.61 9.15 0.13
CA ILE B 33 18.38 9.04 1.56
C ILE B 33 18.76 7.67 2.09
N PHE B 34 18.54 6.61 1.29
CA PHE B 34 19.12 5.32 1.62
C PHE B 34 19.22 4.44 0.36
N PHE B 35 20.19 3.53 0.37
CA PHE B 35 20.47 2.67 -0.76
C PHE B 35 20.10 1.24 -0.44
N PRO B 36 19.70 0.44 -1.45
CA PRO B 36 19.55 -1.00 -1.28
C PRO B 36 20.79 -1.63 -0.68
N GLY B 37 20.63 -2.36 0.42
CA GLY B 37 21.76 -2.92 1.16
C GLY B 37 21.93 -2.23 2.52
N ASP B 38 21.69 -0.92 2.58
CA ASP B 38 21.82 -0.17 3.81
C ASP B 38 21.03 -0.85 4.91
N PRO B 39 21.62 -1.11 6.08
CA PRO B 39 20.86 -1.74 7.16
C PRO B 39 19.62 -0.92 7.47
N ALA B 40 18.45 -1.59 7.54
CA ALA B 40 17.26 -0.89 7.93
C ALA B 40 17.27 -0.62 9.43
N GLU B 41 18.06 0.39 9.85
CA GLU B 41 18.22 0.64 11.28
C GLU B 41 17.56 1.97 11.69
N ARG B 42 16.82 2.60 10.78
CA ARG B 42 16.28 3.93 11.04
C ARG B 42 14.86 4.10 10.48
N VAL B 43 14.11 4.96 11.16
CA VAL B 43 12.80 5.40 10.74
C VAL B 43 12.92 6.88 10.43
N TYR B 44 12.25 7.34 9.38
CA TYR B 44 12.35 8.72 8.95
C TYR B 44 10.98 9.37 9.05
N LEU B 45 10.98 10.70 9.25
CA LEU B 45 9.82 11.53 8.99
C LEU B 45 10.19 12.58 7.93
N LEU B 46 9.44 12.55 6.82
CA LEU B 46 9.53 13.58 5.81
C LEU B 46 8.80 14.80 6.35
N VAL B 47 9.42 15.98 6.19
CA VAL B 47 8.91 17.23 6.78
C VAL B 47 8.63 18.22 5.65
N LYS B 48 9.68 18.59 4.92
CA LYS B 48 9.56 19.38 3.70
C LYS B 48 10.03 18.54 2.52
N GLY B 49 9.34 18.73 1.37
CA GLY B 49 9.74 18.09 0.13
C GLY B 49 8.95 16.82 -0.21
N ALA B 50 9.42 16.11 -1.24
CA ALA B 50 8.87 14.82 -1.62
C ALA B 50 10.02 13.83 -1.74
N VAL B 51 9.75 12.55 -1.42
CA VAL B 51 10.75 11.50 -1.50
C VAL B 51 10.23 10.36 -2.38
N LYS B 52 11.13 9.87 -3.24
CA LYS B 52 10.77 8.85 -4.21
C LYS B 52 11.34 7.51 -3.74
N LEU B 53 10.46 6.58 -3.40
CA LEU B 53 10.86 5.22 -3.09
C LEU B 53 10.81 4.39 -4.37
N SER B 54 11.92 3.78 -4.76
CA SER B 54 11.99 3.05 -6.01
C SER B 54 12.62 1.68 -5.80
N ARG B 55 12.33 0.75 -6.71
CA ARG B 55 12.99 -0.54 -6.79
C ARG B 55 13.92 -0.49 -8.00
N VAL B 56 15.19 -0.86 -7.83
CA VAL B 56 16.14 -0.74 -8.91
C VAL B 56 16.50 -2.11 -9.44
N TYR B 57 16.15 -2.39 -10.69
CA TYR B 57 16.43 -3.70 -11.27
C TYR B 57 17.91 -3.75 -11.66
N GLU B 58 18.41 -4.97 -11.92
CA GLU B 58 19.83 -5.17 -12.20
C GLU B 58 20.26 -4.34 -13.41
N SER B 59 19.34 -4.16 -14.37
CA SER B 59 19.62 -3.48 -15.63
C SER B 59 19.86 -1.98 -15.45
N GLY B 60 19.77 -1.48 -14.21
CA GLY B 60 19.86 -0.05 -13.97
C GLY B 60 18.51 0.65 -14.03
N GLU B 61 17.46 -0.08 -14.45
CA GLU B 61 16.13 0.45 -14.67
C GLU B 61 15.41 0.55 -13.33
N GLU B 62 14.51 1.55 -13.21
CA GLU B 62 13.83 1.85 -11.97
C GLU B 62 12.31 1.84 -12.12
N ILE B 63 11.65 1.40 -11.05
CA ILE B 63 10.22 1.50 -10.92
C ILE B 63 9.94 2.27 -9.64
N THR B 64 9.03 3.25 -9.71
CA THR B 64 8.63 4.01 -8.54
C THR B 64 7.56 3.27 -7.75
N VAL B 65 7.74 3.17 -6.44
CA VAL B 65 6.75 2.58 -5.56
C VAL B 65 5.98 3.65 -4.77
N ALA B 66 6.66 4.71 -4.36
CA ALA B 66 6.05 5.74 -3.54
C ALA B 66 6.64 7.10 -3.85
N LEU B 67 5.78 8.10 -4.06
CA LEU B 67 6.23 9.48 -4.05
C LEU B 67 5.63 10.08 -2.79
N LEU B 68 6.39 9.99 -1.70
CA LEU B 68 5.93 10.35 -0.37
C LEU B 68 5.73 11.85 -0.27
N ARG B 69 4.69 12.28 0.47
CA ARG B 69 4.35 13.68 0.58
C ARG B 69 4.82 14.18 1.92
N GLU B 70 4.74 15.50 2.14
CA GLU B 70 5.20 16.09 3.38
C GLU B 70 4.46 15.46 4.56
N ASN B 71 5.18 15.29 5.67
CA ASN B 71 4.62 14.76 6.90
C ASN B 71 4.46 13.23 6.85
N SER B 72 5.18 12.53 5.96
CA SER B 72 5.07 11.07 5.82
C SER B 72 6.15 10.35 6.61
N VAL B 73 5.77 9.28 7.32
CA VAL B 73 6.69 8.37 8.00
C VAL B 73 7.16 7.34 6.98
N PHE B 74 8.47 7.11 6.86
CA PHE B 74 8.92 6.04 5.98
C PHE B 74 10.15 5.36 6.55
N GLY B 75 10.75 4.46 5.78
CA GLY B 75 11.77 3.57 6.32
C GLY B 75 11.16 2.54 7.28
N VAL B 76 9.93 2.12 6.97
CA VAL B 76 9.09 1.38 7.90
C VAL B 76 9.59 -0.05 8.13
N LEU B 77 10.43 -0.59 7.24
CA LEU B 77 10.97 -1.93 7.44
C LEU B 77 11.80 -2.04 8.73
N SER B 78 12.40 -0.94 9.21
CA SER B 78 13.16 -1.01 10.44
C SER B 78 12.27 -1.31 11.65
N LEU B 79 10.99 -0.94 11.57
CA LEU B 79 10.08 -1.12 12.73
C LEU B 79 9.78 -2.62 12.93
N LEU B 80 10.12 -3.45 11.96
CA LEU B 80 9.83 -4.90 12.05
C LEU B 80 10.91 -5.58 12.88
N THR B 81 10.52 -6.27 13.96
CA THR B 81 11.51 -6.98 14.81
C THR B 81 11.90 -8.29 14.14
N GLY B 82 13.01 -8.89 14.58
CA GLY B 82 13.51 -10.12 13.95
C GLY B 82 14.88 -9.90 13.34
N GLN B 83 15.30 -10.80 12.45
CA GLN B 83 16.65 -10.69 11.84
C GLN B 83 16.85 -9.27 11.32
N ARG B 84 17.97 -8.64 11.66
CA ARG B 84 18.27 -7.30 11.12
C ARG B 84 18.06 -7.35 9.61
N SER B 85 17.15 -6.52 9.09
CA SER B 85 16.84 -6.55 7.66
C SER B 85 17.65 -5.48 6.94
N ASP B 86 17.95 -5.70 5.65
CA ASP B 86 18.65 -4.64 4.88
C ASP B 86 17.68 -4.02 3.89
N ARG B 87 17.85 -2.71 3.61
CA ARG B 87 17.00 -2.03 2.66
C ARG B 87 16.96 -2.79 1.34
N PHE B 88 15.82 -2.71 0.63
CA PHE B 88 15.70 -3.22 -0.74
C PHE B 88 15.17 -2.20 -1.74
N TYR B 89 14.68 -1.05 -1.23
CA TYR B 89 14.29 0.06 -2.07
C TYR B 89 15.29 1.20 -1.97
N HIS B 90 15.19 2.14 -2.91
CA HIS B 90 16.11 3.26 -3.05
C HIS B 90 15.32 4.50 -2.68
N ALA B 91 15.68 5.13 -1.56
CA ALA B 91 15.01 6.36 -1.16
C ALA B 91 15.80 7.56 -1.69
N VAL B 92 15.15 8.41 -2.50
CA VAL B 92 15.79 9.58 -3.07
C VAL B 92 14.91 10.83 -2.97
N ALA B 93 15.58 11.98 -2.75
CA ALA B 93 14.94 13.27 -2.58
C ALA B 93 14.46 13.80 -3.95
N PHE B 94 13.19 13.59 -4.26
CA PHE B 94 12.67 13.96 -5.57
C PHE B 94 12.59 15.47 -5.72
N THR B 95 12.56 16.16 -4.57
CA THR B 95 12.73 17.59 -4.48
C THR B 95 13.85 17.82 -3.46
N PRO B 96 14.19 19.07 -3.10
CA PRO B 96 15.00 19.28 -1.91
C PRO B 96 14.08 18.90 -0.75
N VAL B 97 14.63 18.16 0.22
CA VAL B 97 13.82 17.69 1.34
C VAL B 97 14.53 17.87 2.68
N GLN B 98 13.70 17.99 3.71
CA GLN B 98 14.13 18.07 5.09
C GLN B 98 13.46 16.93 5.85
N LEU B 99 14.25 16.08 6.49
CA LEU B 99 13.69 14.98 7.26
C LEU B 99 14.35 14.88 8.63
N PHE B 100 13.71 14.09 9.49
CA PHE B 100 14.33 13.56 10.69
C PHE B 100 14.65 12.09 10.48
N SER B 101 15.73 11.63 11.10
CA SER B 101 16.23 10.30 10.84
C SER B 101 16.54 9.61 12.16
N VAL B 102 15.52 9.24 12.93
CA VAL B 102 15.73 8.63 14.24
C VAL B 102 16.25 7.22 14.04
N PRO B 103 17.33 6.80 14.75
CA PRO B 103 17.68 5.40 14.86
C PRO B 103 16.57 4.59 15.52
N ILE B 104 16.48 3.30 15.17
CA ILE B 104 15.34 2.49 15.55
C ILE B 104 15.23 2.35 17.07
N GLU B 105 16.37 2.27 17.77
CA GLU B 105 16.37 2.00 19.20
C GLU B 105 15.93 3.24 20.00
N PHE B 106 16.24 4.45 19.50
CA PHE B 106 15.74 5.68 20.09
C PHE B 106 14.21 5.67 20.06
N MET B 107 13.66 5.27 18.91
CA MET B 107 12.22 5.21 18.72
C MET B 107 11.59 4.26 19.72
N GLN B 108 12.02 2.99 19.71
CA GLN B 108 11.40 1.94 20.50
C GLN B 108 11.30 2.40 21.95
N LYS B 109 12.40 2.95 22.46
CA LYS B 109 12.46 3.45 23.83
C LYS B 109 11.35 4.49 24.05
N ALA B 110 11.24 5.45 23.14
CA ALA B 110 10.33 6.58 23.33
C ALA B 110 8.86 6.17 23.17
N LEU B 111 8.59 5.02 22.54
CA LEU B 111 7.22 4.51 22.45
C LEU B 111 6.76 3.97 23.81
N ILE B 112 7.72 3.44 24.59
CA ILE B 112 7.43 2.90 25.92
C ILE B 112 7.26 4.04 26.91
N GLU B 113 8.13 5.05 26.80
CA GLU B 113 8.13 6.18 27.74
C GLU B 113 6.94 7.11 27.51
N ARG B 114 6.70 7.48 26.24
CA ARG B 114 5.56 8.34 25.90
C ARG B 114 4.62 7.57 24.96
N PRO B 115 3.76 6.67 25.50
CA PRO B 115 2.74 5.95 24.71
C PRO B 115 1.85 6.78 23.78
N GLU B 116 1.78 8.09 24.02
CA GLU B 116 1.08 9.01 23.12
C GLU B 116 1.71 8.96 21.73
N LEU B 117 3.03 8.74 21.64
CA LEU B 117 3.75 8.66 20.38
C LEU B 117 3.36 7.41 19.58
N ALA B 118 2.87 6.36 20.27
CA ALA B 118 2.46 5.13 19.61
C ALA B 118 1.16 5.33 18.85
N ASN B 119 0.24 6.06 19.47
CA ASN B 119 -1.02 6.40 18.82
CA ASN B 119 -1.03 6.39 18.83
C ASN B 119 -0.73 7.22 17.56
N VAL B 120 0.16 8.21 17.68
CA VAL B 120 0.47 9.12 16.59
C VAL B 120 1.22 8.36 15.50
N MET B 121 2.08 7.43 15.91
CA MET B 121 2.83 6.63 14.95
C MET B 121 1.90 5.72 14.17
N LEU B 122 1.02 5.01 14.88
CA LEU B 122 0.06 4.09 14.21
C LEU B 122 -0.75 4.88 13.19
N GLN B 123 -1.19 6.08 13.54
CA GLN B 123 -2.01 6.91 12.62
C GLN B 123 -1.24 7.15 11.33
N GLY B 124 0.05 7.45 11.44
CA GLY B 124 0.86 7.76 10.24
C GLY B 124 1.05 6.54 9.38
N LEU B 125 1.29 5.39 10.00
CA LEU B 125 1.42 4.12 9.24
C LEU B 125 0.07 3.83 8.58
N SER B 126 -1.02 4.12 9.27
CA SER B 126 -2.37 3.91 8.71
C SER B 126 -2.52 4.73 7.42
N SER B 127 -2.12 6.00 7.46
CA SER B 127 -2.23 6.88 6.27
C SER B 127 -1.35 6.33 5.15
N ARG B 128 -0.17 5.81 5.49
CA ARG B 128 0.75 5.25 4.48
C ARG B 128 0.06 4.08 3.78
N ILE B 129 -0.58 3.19 4.55
CA ILE B 129 -1.28 2.02 3.97
C ILE B 129 -2.37 2.54 3.03
N LEU B 130 -3.17 3.50 3.50
CA LEU B 130 -4.31 4.00 2.70
C LEU B 130 -3.79 4.73 1.45
N GLN B 131 -2.71 5.50 1.61
CA GLN B 131 -2.13 6.25 0.48
C GLN B 131 -1.55 5.27 -0.53
N THR B 132 -0.94 4.20 -0.03
CA THR B 132 -0.34 3.23 -0.95
C THR B 132 -1.44 2.46 -1.68
N GLU B 133 -2.54 2.14 -1.00
CA GLU B 133 -3.69 1.49 -1.63
C GLU B 133 -4.30 2.38 -2.71
N MET B 134 -4.57 3.63 -2.33
CA MET B 134 -4.98 4.68 -3.25
CA MET B 134 -4.91 4.74 -3.21
C MET B 134 -4.11 4.64 -4.51
N MET B 135 -2.81 4.38 -4.37
CA MET B 135 -1.98 4.25 -5.54
C MET B 135 -2.30 2.95 -6.30
N ILE B 136 -2.49 1.83 -5.61
CA ILE B 136 -2.87 0.59 -6.28
C ILE B 136 -4.11 0.85 -7.14
N GLU B 137 -5.09 1.56 -6.59
CA GLU B 137 -6.31 1.86 -7.34
C GLU B 137 -5.91 2.45 -8.68
N THR B 138 -5.02 3.46 -8.63
CA THR B 138 -4.49 4.10 -9.82
C THR B 138 -3.97 3.05 -10.80
N LEU B 139 -2.98 2.26 -10.40
CA LEU B 139 -2.31 1.36 -11.33
C LEU B 139 -3.27 0.28 -11.85
N ALA B 140 -4.34 0.01 -11.10
CA ALA B 140 -5.27 -1.07 -11.41
C ALA B 140 -6.26 -0.69 -12.50
N HIS B 141 -6.14 0.53 -13.05
CA HIS B 141 -6.84 0.91 -14.26
C HIS B 141 -6.27 0.10 -15.44
N ARG B 142 -6.79 0.36 -16.64
CA ARG B 142 -6.21 -0.22 -17.84
C ARG B 142 -5.80 0.89 -18.78
N ASP B 143 -6.73 1.78 -19.11
CA ASP B 143 -6.44 2.94 -19.93
C ASP B 143 -5.34 3.79 -19.29
N MET B 144 -4.18 3.85 -19.96
CA MET B 144 -3.05 4.65 -19.49
C MET B 144 -3.42 6.13 -19.38
N GLY B 145 -4.44 6.58 -20.11
CA GLY B 145 -4.93 7.94 -19.93
C GLY B 145 -5.63 8.09 -18.60
N SER B 146 -6.38 7.05 -18.21
CA SER B 146 -7.09 7.07 -16.95
C SER B 146 -6.07 6.91 -15.84
N ARG B 147 -5.10 6.03 -16.06
CA ARG B 147 -4.07 5.77 -15.07
C ARG B 147 -3.31 7.06 -14.77
N LEU B 148 -2.99 7.80 -15.84
CA LEU B 148 -2.25 9.06 -15.74
C LEU B 148 -3.08 10.06 -14.95
N VAL B 149 -4.35 10.20 -15.35
CA VAL B 149 -5.24 11.17 -14.74
C VAL B 149 -5.43 10.85 -13.25
N SER B 150 -5.60 9.56 -12.94
CA SER B 150 -5.74 9.13 -11.56
C SER B 150 -4.48 9.49 -10.78
N PHE B 151 -3.33 9.33 -11.44
CA PHE B 151 -2.06 9.65 -10.81
C PHE B 151 -1.99 11.16 -10.54
N LEU B 152 -2.44 11.98 -11.51
CA LEU B 152 -2.32 13.42 -11.39
C LEU B 152 -3.23 13.90 -10.26
N LEU B 153 -4.45 13.32 -10.19
CA LEU B 153 -5.39 13.67 -9.15
C LEU B 153 -4.83 13.35 -7.76
N ILE B 154 -3.95 12.35 -7.66
CA ILE B 154 -3.22 12.12 -6.41
C ILE B 154 -2.24 13.26 -6.16
N LEU B 155 -1.40 13.53 -7.14
CA LEU B 155 -0.37 14.55 -6.99
C LEU B 155 -0.99 15.91 -6.70
N CYS B 156 -2.26 16.10 -7.13
CA CYS B 156 -2.97 17.33 -6.81
C CYS B 156 -3.32 17.36 -5.33
N ARG B 157 -3.71 16.21 -4.81
CA ARG B 157 -4.09 16.09 -3.42
C ARG B 157 -2.84 16.23 -2.56
N ASP B 158 -1.70 15.76 -3.06
CA ASP B 158 -0.52 15.56 -2.22
C ASP B 158 0.45 16.75 -2.29
N PHE B 159 0.62 17.33 -3.49
CA PHE B 159 1.61 18.36 -3.73
C PHE B 159 1.02 19.62 -4.36
N GLY B 160 -0.31 19.69 -4.43
CA GLY B 160 -0.98 20.71 -5.24
C GLY B 160 -1.23 22.01 -4.49
N ILE B 161 -1.07 23.13 -5.20
CA ILE B 161 -1.41 24.44 -4.65
C ILE B 161 -2.53 25.04 -5.50
N PRO B 162 -3.38 25.90 -4.92
CA PRO B 162 -4.54 26.43 -5.64
C PRO B 162 -4.16 27.31 -6.82
N SER B 163 -4.93 27.20 -7.92
CA SER B 163 -4.81 28.07 -9.08
C SER B 163 -6.18 28.64 -9.42
N PRO B 164 -6.24 29.74 -10.20
CA PRO B 164 -7.51 30.32 -10.65
C PRO B 164 -8.58 29.31 -11.06
N ASP B 165 -8.21 28.34 -11.91
CA ASP B 165 -9.16 27.40 -12.50
C ASP B 165 -9.20 26.08 -11.75
N GLY B 166 -8.09 25.71 -11.09
CA GLY B 166 -7.95 24.37 -10.50
C GLY B 166 -6.73 24.31 -9.58
N ILE B 167 -5.98 23.21 -9.64
CA ILE B 167 -4.79 23.05 -8.81
C ILE B 167 -3.57 22.74 -9.66
N THR B 168 -2.49 23.44 -9.34
CA THR B 168 -1.21 23.19 -9.97
C THR B 168 -0.45 22.22 -9.10
N ILE B 169 0.01 21.15 -9.72
CA ILE B 169 0.87 20.19 -9.05
C ILE B 169 2.20 20.88 -8.88
N ASP B 170 2.52 21.19 -7.64
CA ASP B 170 3.73 21.92 -7.31
C ASP B 170 4.91 20.98 -7.09
N LEU B 171 5.34 20.25 -8.15
CA LEU B 171 6.70 19.72 -8.18
C LEU B 171 7.12 19.40 -9.62
N LYS B 172 8.42 19.46 -9.89
CA LYS B 172 8.95 19.23 -11.22
C LYS B 172 8.90 17.74 -11.55
N LEU B 173 7.98 17.40 -12.47
CA LEU B 173 7.75 16.02 -12.87
C LEU B 173 8.15 15.87 -14.32
N SER B 174 9.24 15.13 -14.54
CA SER B 174 9.59 14.75 -15.90
C SER B 174 8.63 13.66 -16.37
N HIS B 175 8.37 13.63 -17.67
CA HIS B 175 7.49 12.63 -18.23
C HIS B 175 8.03 11.24 -17.89
N GLN B 176 9.37 11.12 -17.90
CA GLN B 176 10.02 9.89 -17.48
C GLN B 176 9.65 9.56 -16.04
N ALA B 177 9.67 10.54 -15.15
CA ALA B 177 9.40 10.29 -13.74
C ALA B 177 7.99 9.74 -13.58
N ILE B 178 7.07 10.35 -14.32
CA ILE B 178 5.70 9.88 -14.38
C ILE B 178 5.62 8.46 -14.95
N ALA B 179 6.27 8.22 -16.09
CA ALA B 179 6.25 6.91 -16.71
C ALA B 179 6.64 5.84 -15.69
N GLU B 180 7.65 6.12 -14.87
CA GLU B 180 8.12 5.14 -13.89
C GLU B 180 7.08 4.91 -12.79
N ALA B 181 6.24 5.92 -12.51
CA ALA B 181 5.25 5.89 -11.45
C ALA B 181 3.96 5.14 -11.83
N ILE B 182 3.58 5.14 -13.12
CA ILE B 182 2.32 4.55 -13.57
C ILE B 182 2.53 3.33 -14.49
N GLY B 183 3.74 2.78 -14.49
CA GLY B 183 4.04 1.62 -15.31
C GLY B 183 3.88 1.85 -16.81
N SER B 184 4.53 2.90 -17.34
CA SER B 184 4.45 3.21 -18.75
C SER B 184 5.81 3.61 -19.31
N THR B 185 5.83 4.24 -20.49
CA THR B 185 7.05 4.85 -21.01
C THR B 185 6.81 6.31 -21.35
N ARG B 186 7.89 7.10 -21.24
CA ARG B 186 7.75 8.57 -21.44
C ARG B 186 7.04 8.89 -22.75
N VAL B 187 7.48 8.29 -23.85
CA VAL B 187 6.83 8.67 -25.09
C VAL B 187 5.31 8.50 -25.01
N THR B 188 4.81 7.50 -24.27
CA THR B 188 3.38 7.35 -24.02
C THR B 188 2.88 8.51 -23.12
N VAL B 189 3.62 8.78 -22.03
CA VAL B 189 3.29 9.85 -21.09
C VAL B 189 3.27 11.21 -21.79
N THR B 190 4.24 11.46 -22.67
CA THR B 190 4.27 12.69 -23.43
C THR B 190 2.97 12.76 -24.23
N ARG B 191 2.84 11.81 -25.16
CA ARG B 191 1.69 11.67 -26.04
C ARG B 191 0.40 11.91 -25.26
N LEU B 192 0.22 11.18 -24.15
CA LEU B 192 -1.01 11.23 -23.36
C LEU B 192 -1.18 12.62 -22.75
N LEU B 193 -0.17 13.14 -22.06
CA LEU B 193 -0.23 14.50 -21.51
C LEU B 193 -0.63 15.50 -22.60
N GLY B 194 -0.07 15.32 -23.80
CA GLY B 194 -0.45 16.12 -24.95
C GLY B 194 -1.95 16.07 -25.21
N ASP B 195 -2.54 14.88 -25.05
CA ASP B 195 -3.95 14.65 -25.33
C ASP B 195 -4.80 15.37 -24.29
N LEU B 196 -4.33 15.41 -23.03
CA LEU B 196 -5.02 16.15 -21.99
C LEU B 196 -4.95 17.64 -22.30
N ARG B 197 -3.81 18.12 -22.79
CA ARG B 197 -3.65 19.52 -23.13
C ARG B 197 -4.64 19.91 -24.23
N GLU B 198 -4.75 19.07 -25.27
CA GLU B 198 -5.66 19.31 -26.38
C GLU B 198 -7.12 19.31 -25.92
N SER B 199 -7.46 18.42 -25.00
CA SER B 199 -8.79 18.32 -24.42
C SER B 199 -9.10 19.46 -23.43
N LYS B 200 -8.07 20.24 -23.09
CA LYS B 200 -8.18 21.37 -22.17
C LYS B 200 -8.57 20.91 -20.77
N LEU B 201 -8.06 19.75 -20.34
CA LEU B 201 -8.27 19.25 -18.99
C LEU B 201 -7.11 19.63 -18.09
N ILE B 202 -5.90 19.67 -18.65
CA ILE B 202 -4.73 20.15 -17.94
C ILE B 202 -4.01 21.21 -18.79
N ALA B 203 -3.07 21.92 -18.15
CA ALA B 203 -2.19 22.87 -18.82
C ALA B 203 -0.82 22.86 -18.14
N ILE B 204 0.24 23.00 -18.94
CA ILE B 204 1.59 22.97 -18.41
C ILE B 204 2.29 24.27 -18.76
N HIS B 205 2.91 24.90 -17.74
CA HIS B 205 3.82 26.01 -17.95
C HIS B 205 5.06 25.75 -17.10
N LYS B 206 6.25 25.91 -17.69
CA LYS B 206 7.50 25.73 -16.98
C LYS B 206 7.56 24.39 -16.24
N LYS B 207 7.03 23.34 -16.89
CA LYS B 207 7.10 21.97 -16.39
C LYS B 207 6.19 21.75 -15.17
N ARG B 208 5.18 22.62 -14.99
CA ARG B 208 4.25 22.53 -13.87
C ARG B 208 2.84 22.26 -14.39
N ILE B 209 2.31 21.10 -14.02
CA ILE B 209 1.06 20.64 -14.58
C ILE B 209 -0.09 21.18 -13.74
N THR B 210 -0.98 21.93 -14.37
CA THR B 210 -2.16 22.47 -13.72
C THR B 210 -3.42 21.76 -14.21
N VAL B 211 -4.05 20.94 -13.35
CA VAL B 211 -5.28 20.27 -13.72
C VAL B 211 -6.46 21.16 -13.39
N PHE B 212 -7.36 21.32 -14.37
CA PHE B 212 -8.57 22.11 -14.19
C PHE B 212 -9.71 21.27 -13.63
N ASN B 213 -10.58 21.92 -12.85
CA ASN B 213 -11.65 21.27 -12.12
C ASN B 213 -11.25 19.88 -11.63
N PRO B 214 -10.31 19.77 -10.68
CA PRO B 214 -9.86 18.46 -10.22
C PRO B 214 -11.02 17.66 -9.63
N VAL B 215 -11.97 18.34 -9.00
CA VAL B 215 -13.15 17.72 -8.45
C VAL B 215 -13.90 16.96 -9.54
N ALA B 216 -14.05 17.60 -10.71
CA ALA B 216 -14.83 17.03 -11.80
C ALA B 216 -14.19 15.76 -12.36
N LEU B 217 -12.84 15.71 -12.39
CA LEU B 217 -12.14 14.53 -12.89
C LEU B 217 -12.32 13.36 -11.91
N SER B 218 -12.21 13.64 -10.59
CA SER B 218 -12.30 12.60 -9.57
C SER B 218 -13.74 12.07 -9.46
N GLN B 219 -14.72 12.81 -10.01
CA GLN B 219 -16.10 12.35 -10.08
C GLN B 219 -16.21 11.20 -11.09
N GLN B 220 -15.46 11.27 -12.20
CA GLN B 220 -15.49 10.27 -13.27
C GLN B 220 -15.11 8.88 -12.78
N PHE B 221 -14.54 8.76 -11.56
CA PHE B 221 -14.29 7.48 -10.93
C PHE B 221 -15.42 7.23 -9.91
#